data_1HWT
#
_entry.id   1HWT
#
_cell.length_a   85.600
_cell.length_b   85.700
_cell.length_c   94.000
_cell.angle_alpha   90.00
_cell.angle_beta   90.00
_cell.angle_gamma   90.00
#
_symmetry.space_group_name_H-M   'P 21 21 21'
#
loop_
_entity.id
_entity.type
_entity.pdbx_description
1 polymer "DNA (5'-D(*GP*CP*GP*CP*TP*AP*TP*TP*AP*TP*CP*GP*CP*TP*AP*TP*TP*AP*GP*C)-3')"
2 polymer "DNA (5'-D(*GP*CP*TP*AP*AP*TP*AP*GP*CP*GP*AP*TP*AP*AP*TP*AP*GP*CP*GP*C)-3')"
3 polymer 'PROTEIN (HEME ACTIVATOR PROTEIN)'
4 non-polymer 'ZINC ION'
5 water water
#
loop_
_entity_poly.entity_id
_entity_poly.type
_entity_poly.pdbx_seq_one_letter_code
_entity_poly.pdbx_strand_id
1 'polydeoxyribonucleotide' (DG)(DC)(DG)(DC)(DT)(DA)(DT)(DT)(DA)(DT)(DC)(DG)(DC)(DT)(DA)(DT)(DT)(DA)(DG)(DC) A,E
2 'polydeoxyribonucleotide' (DG)(DC)(DT)(DA)(DA)(DT)(DA)(DG)(DC)(DG)(DA)(DT)(DA)(DA)(DT)(DA)(DG)(DC)(DG)(DC) B,F
3 'polypeptide(L)'
;RKRNRIPLSCTICRKRKVKCDKLRPHCQQCTKTGVAHLCHYMEQTWAEEAEKELLKDNELKKLRERVKSLEKTLSKVHSS
P
;
C,D,G,H
#
loop_
_chem_comp.id
_chem_comp.type
_chem_comp.name
_chem_comp.formula
DA DNA linking 2'-DEOXYADENOSINE-5'-MONOPHOSPHATE 'C10 H14 N5 O6 P'
DC DNA linking 2'-DEOXYCYTIDINE-5'-MONOPHOSPHATE 'C9 H14 N3 O7 P'
DG DNA linking 2'-DEOXYGUANOSINE-5'-MONOPHOSPHATE 'C10 H14 N5 O7 P'
DT DNA linking THYMIDINE-5'-MONOPHOSPHATE 'C10 H15 N2 O8 P'
ZN non-polymer 'ZINC ION' 'Zn 2'
#
# COMPACT_ATOMS: atom_id res chain seq x y z
N ARG E 5 -11.71 31.40 16.95
CA ARG E 5 -10.76 31.59 15.80
C ARG E 5 -10.64 30.31 15.03
N ILE E 6 -10.62 30.40 13.71
CA ILE E 6 -10.51 29.20 12.88
C ILE E 6 -9.47 29.45 11.80
N PRO E 7 -8.39 28.65 11.80
CA PRO E 7 -7.30 28.79 10.81
C PRO E 7 -7.75 28.74 9.36
N LEU E 8 -7.07 29.51 8.53
CA LEU E 8 -7.39 29.56 7.11
C LEU E 8 -6.60 28.59 6.25
N SER E 9 -5.47 28.10 6.77
CA SER E 9 -4.65 27.16 6.03
C SER E 9 -5.12 25.75 6.32
N CYS E 10 -5.13 24.90 5.29
CA CYS E 10 -5.55 23.51 5.45
C CYS E 10 -4.69 22.83 6.52
N THR E 11 -5.29 21.90 7.24
CA THR E 11 -4.61 21.20 8.31
C THR E 11 -3.26 20.60 7.91
N ILE E 12 -3.15 20.05 6.71
CA ILE E 12 -1.89 19.45 6.29
C ILE E 12 -0.77 20.45 6.17
N CYS E 13 -1.02 21.59 5.52
CA CYS E 13 0.01 22.62 5.35
C CYS E 13 0.40 23.15 6.71
N ARG E 14 -0.55 23.17 7.62
CA ARG E 14 -0.31 23.61 8.99
C ARG E 14 0.72 22.67 9.58
N LYS E 15 0.44 21.38 9.55
CA LYS E 15 1.34 20.38 10.11
C LYS E 15 2.67 20.33 9.36
N ARG E 16 2.64 20.57 8.07
CA ARG E 16 3.84 20.55 7.25
C ARG E 16 4.66 21.83 7.48
N LYS E 17 3.98 22.86 7.96
CA LYS E 17 4.59 24.16 8.23
C LYS E 17 5.00 24.88 6.95
N VAL E 18 4.20 24.74 5.90
CA VAL E 18 4.48 25.38 4.63
C VAL E 18 3.36 26.35 4.33
N LYS E 19 3.53 27.24 3.37
CA LYS E 19 2.50 28.20 3.04
C LYS E 19 1.33 27.58 2.26
N CYS E 20 0.11 27.81 2.74
CA CYS E 20 -1.08 27.30 2.09
C CYS E 20 -1.68 28.36 1.14
N ASP E 21 -1.95 27.97 -0.10
CA ASP E 21 -2.54 28.91 -1.05
C ASP E 21 -4.04 29.03 -0.82
N LYS E 22 -4.55 28.32 0.19
CA LYS E 22 -5.96 28.36 0.55
C LYS E 22 -6.97 28.18 -0.57
N LEU E 23 -6.58 27.46 -1.62
CA LEU E 23 -7.45 27.21 -2.75
C LEU E 23 -8.36 26.02 -2.48
N ARG E 24 -9.61 26.11 -2.93
CA ARG E 24 -10.57 25.04 -2.72
C ARG E 24 -10.78 24.29 -4.03
N PRO E 25 -11.27 23.04 -3.95
CA PRO E 25 -11.62 22.33 -2.71
C PRO E 25 -10.38 21.94 -1.93
N HIS E 26 -9.28 21.77 -2.66
CA HIS E 26 -8.01 21.40 -2.06
C HIS E 26 -6.92 22.31 -2.58
N CYS E 27 -6.00 22.69 -1.71
CA CYS E 27 -4.91 23.58 -2.05
C CYS E 27 -3.91 22.88 -2.96
N GLN E 28 -3.13 23.67 -3.70
CA GLN E 28 -2.14 23.11 -4.63
C GLN E 28 -0.97 22.42 -3.95
N GLN E 29 -0.70 22.75 -2.69
CA GLN E 29 0.39 22.12 -1.98
C GLN E 29 0.09 20.65 -1.77
N CYS E 30 -1.12 20.37 -1.30
CA CYS E 30 -1.55 19.00 -1.09
C CYS E 30 -1.67 18.36 -2.45
N THR E 31 -2.26 19.09 -3.40
CA THR E 31 -2.45 18.55 -4.73
C THR E 31 -1.13 18.05 -5.30
N LYS E 32 -0.14 18.94 -5.33
CA LYS E 32 1.17 18.62 -5.87
C LYS E 32 1.91 17.50 -5.15
N THR E 33 1.66 17.30 -3.87
CA THR E 33 2.34 16.25 -3.12
C THR E 33 1.54 14.97 -3.19
N GLY E 34 0.40 15.04 -3.89
CA GLY E 34 -0.45 13.88 -4.06
C GLY E 34 -1.39 13.55 -2.91
N VAL E 35 -1.61 14.48 -1.99
CA VAL E 35 -2.46 14.21 -0.85
C VAL E 35 -3.75 15.04 -0.81
N ALA E 36 -4.22 15.45 -1.97
CA ALA E 36 -5.44 16.26 -2.08
C ALA E 36 -6.62 15.64 -1.37
N HIS E 37 -6.68 14.31 -1.36
CA HIS E 37 -7.78 13.62 -0.72
C HIS E 37 -7.72 13.80 0.79
N LEU E 38 -6.62 14.35 1.29
CA LEU E 38 -6.47 14.55 2.73
C LEU E 38 -6.51 16.03 3.05
N CYS E 39 -6.69 16.85 2.04
CA CYS E 39 -6.72 18.29 2.23
C CYS E 39 -8.08 18.79 2.60
N HIS E 40 -8.19 19.38 3.78
CA HIS E 40 -9.46 19.91 4.24
C HIS E 40 -9.21 21.11 5.12
N TYR E 41 -10.20 22.00 5.17
CA TYR E 41 -10.12 23.21 5.96
C TYR E 41 -11.08 23.12 7.12
N MET E 42 -10.73 23.74 8.22
CA MET E 42 -11.55 23.73 9.41
C MET E 42 -12.78 24.59 9.22
N GLU E 43 -13.89 24.16 9.79
CA GLU E 43 -15.15 24.89 9.70
C GLU E 43 -15.55 25.35 11.09
N GLN E 44 -14.84 24.86 12.10
CA GLN E 44 -15.13 25.21 13.49
C GLN E 44 -13.85 25.31 14.30
N THR E 45 -13.97 25.71 15.56
CA THR E 45 -12.80 25.85 16.39
C THR E 45 -12.21 24.47 16.61
N TRP E 46 -10.97 24.45 17.11
CA TRP E 46 -10.29 23.18 17.39
C TRP E 46 -11.04 22.44 18.50
N ALA E 47 -11.58 23.17 19.47
CA ALA E 47 -12.31 22.53 20.56
C ALA E 47 -13.59 21.88 20.01
N GLU E 48 -14.33 22.62 19.19
CA GLU E 48 -15.56 22.12 18.62
C GLU E 48 -15.32 20.88 17.78
N GLU E 49 -14.22 20.89 17.00
CA GLU E 49 -13.89 19.76 16.14
C GLU E 49 -13.47 18.54 16.95
N ALA E 50 -12.56 18.73 17.89
CA ALA E 50 -12.10 17.65 18.73
C ALA E 50 -13.28 16.95 19.40
N GLU E 51 -14.24 17.73 19.89
CA GLU E 51 -15.41 17.17 20.55
C GLU E 51 -16.27 16.40 19.56
N LYS E 52 -16.34 16.87 18.33
CA LYS E 52 -17.14 16.19 17.32
C LYS E 52 -16.56 14.82 16.99
N GLU E 53 -15.25 14.76 16.83
CA GLU E 53 -14.58 13.50 16.52
C GLU E 53 -14.60 12.56 17.71
N LEU E 54 -14.83 13.10 18.90
CA LEU E 54 -14.89 12.27 20.09
C LEU E 54 -16.20 11.52 20.08
N LEU E 55 -17.26 12.22 19.66
CA LEU E 55 -18.59 11.62 19.59
C LEU E 55 -18.61 10.60 18.47
N LYS E 56 -17.86 10.87 17.41
CA LYS E 56 -17.78 9.95 16.28
C LYS E 56 -17.14 8.67 16.79
N ASP E 57 -16.07 8.81 17.56
CA ASP E 57 -15.38 7.65 18.12
C ASP E 57 -16.37 6.74 18.84
N ASN E 58 -17.19 7.33 19.71
CA ASN E 58 -18.16 6.60 20.48
C ASN E 58 -19.29 6.00 19.64
N GLU E 59 -19.77 6.76 18.67
CA GLU E 59 -20.85 6.29 17.82
C GLU E 59 -20.33 5.11 17.01
N LEU E 60 -19.06 5.17 16.64
CA LEU E 60 -18.43 4.11 15.87
C LEU E 60 -18.40 2.83 16.71
N LYS E 61 -17.94 2.95 17.94
CA LYS E 61 -17.87 1.82 18.84
C LYS E 61 -19.26 1.20 18.96
N LYS E 62 -20.26 2.03 19.19
CA LYS E 62 -21.63 1.54 19.35
C LYS E 62 -22.16 0.87 18.09
N LEU E 63 -21.69 1.30 16.94
CA LEU E 63 -22.12 0.71 15.68
C LEU E 63 -21.54 -0.68 15.52
N ARG E 64 -20.23 -0.79 15.73
CA ARG E 64 -19.55 -2.07 15.58
C ARG E 64 -20.21 -3.08 16.52
N GLU E 65 -20.69 -2.58 17.66
CA GLU E 65 -21.36 -3.41 18.66
C GLU E 65 -22.73 -3.81 18.18
N ARG E 66 -23.40 -2.91 17.49
CA ARG E 66 -24.73 -3.17 16.99
C ARG E 66 -24.70 -4.15 15.82
N VAL E 67 -23.67 -4.05 14.99
CA VAL E 67 -23.56 -4.95 13.84
C VAL E 67 -23.31 -6.37 14.35
N LYS E 68 -22.48 -6.49 15.39
CA LYS E 68 -22.20 -7.80 15.95
C LYS E 68 -23.54 -8.36 16.46
N SER E 69 -24.20 -7.58 17.30
CA SER E 69 -25.49 -7.99 17.84
C SER E 69 -26.41 -8.43 16.71
N LEU E 70 -26.63 -7.55 15.74
CA LEU E 70 -27.51 -7.87 14.62
C LEU E 70 -27.13 -9.16 13.87
N GLU E 71 -25.94 -9.20 13.28
CA GLU E 71 -25.54 -10.40 12.52
C GLU E 71 -25.41 -11.65 13.39
N LYS E 72 -24.85 -11.47 14.59
CA LYS E 72 -24.68 -12.58 15.53
C LYS E 72 -26.01 -12.96 16.17
N THR E 73 -27.09 -12.56 15.49
CA THR E 73 -28.45 -12.87 15.90
C THR E 73 -29.13 -13.37 14.63
N LEU E 74 -28.55 -13.06 13.47
CA LEU E 74 -29.13 -13.55 12.24
C LEU E 74 -28.81 -15.03 12.12
N ARG F 1 21.85 15.74 12.19
CA ARG F 1 20.53 16.42 12.09
C ARG F 1 19.67 15.77 11.03
N LYS F 2 19.38 14.48 11.21
CA LYS F 2 18.56 13.77 10.25
C LYS F 2 17.18 14.42 10.24
N ARG F 3 16.46 14.24 9.14
CA ARG F 3 15.11 14.78 8.99
C ARG F 3 14.24 13.57 8.69
N ASN F 4 13.15 13.39 9.41
CA ASN F 4 12.28 12.25 9.16
C ASN F 4 11.48 12.59 7.92
N ARG F 5 12.08 12.38 6.75
CA ARG F 5 11.42 12.67 5.48
C ARG F 5 11.02 11.41 4.76
N ILE F 6 9.72 11.16 4.67
CA ILE F 6 9.22 9.96 4.00
C ILE F 6 8.81 10.30 2.56
N PRO F 7 9.25 9.50 1.58
CA PRO F 7 8.93 9.72 0.17
C PRO F 7 7.44 9.77 -0.12
N LEU F 8 7.04 10.69 -0.99
CA LEU F 8 5.64 10.83 -1.34
C LEU F 8 5.30 9.99 -2.56
N SER F 9 6.33 9.51 -3.26
CA SER F 9 6.11 8.68 -4.42
C SER F 9 5.72 7.30 -3.92
N CYS F 10 5.10 6.50 -4.78
CA CYS F 10 4.70 5.17 -4.36
C CYS F 10 5.91 4.25 -4.33
N THR F 11 5.87 3.26 -3.45
CA THR F 11 6.95 2.32 -3.29
C THR F 11 7.47 1.70 -4.59
N ILE F 12 6.59 1.40 -5.54
CA ILE F 12 7.04 0.79 -6.77
C ILE F 12 7.83 1.74 -7.63
N CYS F 13 7.33 2.95 -7.83
CA CYS F 13 8.04 3.93 -8.64
C CYS F 13 9.40 4.19 -7.99
N ARG F 14 9.43 4.25 -6.67
CA ARG F 14 10.67 4.49 -5.95
C ARG F 14 11.65 3.33 -6.12
N LYS F 15 11.14 2.10 -6.02
CA LYS F 15 11.99 0.93 -6.16
C LYS F 15 12.47 0.79 -7.59
N ARG F 16 11.60 1.14 -8.54
CA ARG F 16 11.93 1.06 -9.95
C ARG F 16 12.64 2.33 -10.42
N LYS F 17 12.54 3.39 -9.63
CA LYS F 17 13.17 4.66 -9.93
C LYS F 17 12.60 5.31 -11.17
N VAL F 18 11.27 5.30 -11.28
CA VAL F 18 10.62 5.89 -12.43
C VAL F 18 9.81 7.09 -11.98
N LYS F 19 9.19 7.78 -12.93
CA LYS F 19 8.39 8.96 -12.60
C LYS F 19 7.07 8.57 -12.01
N CYS F 20 6.75 9.15 -10.86
CA CYS F 20 5.49 8.88 -10.19
C CYS F 20 4.54 10.07 -10.27
N ASP F 21 3.33 9.82 -10.75
CA ASP F 21 2.33 10.85 -10.86
C ASP F 21 1.65 11.09 -9.51
N LYS F 22 1.71 10.09 -8.63
CA LYS F 22 1.14 10.14 -7.29
C LYS F 22 -0.34 9.93 -7.17
N LEU F 23 -1.00 9.57 -8.27
CA LEU F 23 -2.44 9.32 -8.28
C LEU F 23 -2.88 8.37 -7.17
N ARG F 24 -4.06 8.62 -6.58
CA ARG F 24 -4.58 7.75 -5.52
C ARG F 24 -5.81 7.02 -6.01
N PRO F 25 -6.01 5.76 -5.55
CA PRO F 25 -5.15 5.03 -4.61
C PRO F 25 -3.95 4.34 -5.25
N HIS F 26 -4.00 4.17 -6.57
CA HIS F 26 -2.93 3.53 -7.34
C HIS F 26 -2.52 4.51 -8.44
N CYS F 27 -1.23 4.71 -8.64
CA CYS F 27 -0.75 5.67 -9.65
C CYS F 27 -0.80 5.20 -11.07
N GLN F 28 -0.86 6.16 -12.00
CA GLN F 28 -0.94 5.90 -13.44
C GLN F 28 0.30 5.17 -13.96
N GLN F 29 1.43 5.35 -13.28
CA GLN F 29 2.64 4.67 -13.70
C GLN F 29 2.47 3.17 -13.48
N CYS F 30 1.98 2.80 -12.30
CA CYS F 30 1.77 1.40 -11.97
C CYS F 30 0.68 0.81 -12.83
N THR F 31 -0.39 1.58 -13.05
CA THR F 31 -1.51 1.11 -13.86
C THR F 31 -1.05 0.91 -15.31
N LYS F 32 -0.36 1.91 -15.85
CA LYS F 32 0.15 1.86 -17.21
C LYS F 32 1.12 0.71 -17.43
N THR F 33 1.79 0.29 -16.36
CA THR F 33 2.75 -0.81 -16.46
C THR F 33 2.29 -2.14 -15.87
N GLY F 34 0.99 -2.26 -15.64
CA GLY F 34 0.42 -3.50 -15.17
C GLY F 34 0.59 -4.00 -13.74
N VAL F 35 0.82 -3.10 -12.80
CA VAL F 35 0.97 -3.52 -11.40
C VAL F 35 0.18 -2.58 -10.48
N ALA F 36 -0.91 -2.03 -11.03
CA ALA F 36 -1.77 -1.08 -10.34
C ALA F 36 -2.02 -1.37 -8.87
N HIS F 37 -2.57 -2.55 -8.59
CA HIS F 37 -2.91 -2.93 -7.24
C HIS F 37 -1.74 -3.30 -6.35
N LEU F 38 -0.53 -3.08 -6.85
CA LEU F 38 0.69 -3.36 -6.10
C LEU F 38 1.11 -2.00 -5.56
N CYS F 39 0.42 -0.97 -6.07
CA CYS F 39 0.70 0.41 -5.72
C CYS F 39 0.15 0.91 -4.40
N HIS F 40 1.03 1.48 -3.58
CA HIS F 40 0.66 2.04 -2.30
C HIS F 40 1.71 3.03 -1.85
N TYR F 41 1.35 3.86 -0.87
CA TYR F 41 2.26 4.89 -0.38
C TYR F 41 2.59 4.76 1.09
N MET F 42 3.74 5.29 1.47
CA MET F 42 4.18 5.24 2.86
C MET F 42 3.36 6.23 3.67
N GLU F 43 3.06 5.87 4.91
CA GLU F 43 2.29 6.73 5.79
C GLU F 43 3.12 7.92 6.19
N GLN F 44 2.52 9.10 6.09
CA GLN F 44 3.18 10.35 6.43
C GLN F 44 2.80 10.77 7.84
N THR F 45 3.78 11.21 8.62
CA THR F 45 3.56 11.63 9.98
C THR F 45 2.50 12.72 10.06
N TRP F 46 2.59 13.69 9.16
CA TRP F 46 1.65 14.81 9.14
C TRP F 46 0.34 14.48 8.45
N ALA F 47 0.17 13.24 8.03
CA ALA F 47 -1.06 12.86 7.36
C ALA F 47 -1.85 11.94 8.26
N GLU F 48 -1.19 11.30 9.22
CA GLU F 48 -1.84 10.36 10.13
C GLU F 48 -3.21 10.78 10.61
N GLU F 49 -3.32 12.01 11.12
CA GLU F 49 -4.58 12.51 11.63
C GLU F 49 -5.65 12.65 10.56
N ALA F 50 -5.28 13.23 9.41
CA ALA F 50 -6.21 13.40 8.31
C ALA F 50 -6.65 12.03 7.76
N GLU F 51 -5.78 11.04 7.90
CA GLU F 51 -6.05 9.69 7.44
C GLU F 51 -7.04 9.04 8.40
N LYS F 52 -6.71 9.11 9.69
CA LYS F 52 -7.55 8.55 10.74
C LYS F 52 -8.99 9.02 10.55
N GLU F 53 -9.13 10.30 10.21
CA GLU F 53 -10.42 10.93 10.00
C GLU F 53 -11.15 10.40 8.77
N LEU F 54 -10.49 10.44 7.62
CA LEU F 54 -11.10 9.95 6.39
C LEU F 54 -11.61 8.52 6.56
N LEU F 55 -10.77 7.65 7.12
CA LEU F 55 -11.08 6.24 7.35
C LEU F 55 -12.25 6.06 8.32
N LYS F 56 -12.24 6.86 9.37
CA LYS F 56 -13.28 6.82 10.39
C LYS F 56 -14.61 7.22 9.77
N ASP F 57 -14.58 8.21 8.88
CA ASP F 57 -15.78 8.66 8.22
C ASP F 57 -16.31 7.54 7.33
N ASN F 58 -15.40 6.83 6.66
CA ASN F 58 -15.78 5.75 5.76
C ASN F 58 -16.39 4.63 6.57
N GLU F 59 -15.82 4.37 7.73
CA GLU F 59 -16.31 3.30 8.59
C GLU F 59 -17.71 3.53 9.16
N LEU F 60 -18.00 4.78 9.56
CA LEU F 60 -19.32 5.08 10.10
C LEU F 60 -20.30 4.90 8.95
N LYS F 61 -19.92 5.40 7.77
CA LYS F 61 -20.73 5.30 6.57
C LYS F 61 -21.08 3.85 6.21
N LYS F 62 -20.06 2.99 6.14
CA LYS F 62 -20.29 1.61 5.78
C LYS F 62 -20.94 0.83 6.89
N LEU F 63 -20.55 1.09 8.13
CA LEU F 63 -21.12 0.38 9.26
C LEU F 63 -22.62 0.68 9.34
N ARG F 64 -23.02 1.90 8.98
CA ARG F 64 -24.44 2.27 9.01
C ARG F 64 -25.22 1.61 7.86
N GLU F 65 -24.60 1.50 6.69
CA GLU F 65 -25.28 0.86 5.56
C GLU F 65 -25.47 -0.59 5.96
N ARG F 66 -24.54 -1.07 6.78
CA ARG F 66 -24.55 -2.45 7.24
C ARG F 66 -25.62 -2.74 8.27
N VAL F 67 -25.81 -1.79 9.19
CA VAL F 67 -26.83 -1.95 10.20
C VAL F 67 -28.18 -1.94 9.47
N LYS F 68 -28.33 -1.00 8.55
CA LYS F 68 -29.55 -0.88 7.76
C LYS F 68 -29.76 -2.14 6.93
N SER F 69 -28.70 -2.68 6.36
CA SER F 69 -28.81 -3.89 5.53
C SER F 69 -29.15 -5.10 6.35
N LEU F 70 -28.51 -5.25 7.49
CA LEU F 70 -28.77 -6.41 8.32
C LEU F 70 -30.20 -6.34 8.79
N GLU F 71 -30.57 -5.23 9.42
CA GLU F 71 -31.94 -5.01 9.92
C GLU F 71 -32.92 -5.28 8.76
N LYS F 72 -32.67 -4.61 7.63
CA LYS F 72 -33.48 -4.76 6.43
C LYS F 72 -33.32 -6.16 5.85
N THR F 73 -33.00 -7.13 6.71
CA THR F 73 -32.81 -8.50 6.29
C THR F 73 -33.52 -9.47 7.23
N LEU F 74 -33.27 -9.35 8.53
CA LEU F 74 -33.93 -10.28 9.44
C LEU F 74 -35.29 -9.77 9.95
N ARG G 5 26.14 -27.10 -2.48
CA ARG G 5 24.88 -27.56 -1.84
C ARG G 5 23.82 -26.48 -1.91
N ILE G 6 22.56 -26.88 -1.94
CA ILE G 6 21.45 -25.93 -2.06
C ILE G 6 20.48 -26.06 -0.89
N PRO G 7 20.25 -24.97 -0.13
CA PRO G 7 19.34 -24.95 1.02
C PRO G 7 17.93 -25.41 0.71
N LEU G 8 17.41 -26.30 1.56
CA LEU G 8 16.09 -26.88 1.40
C LEU G 8 14.97 -26.01 1.96
N SER G 9 15.32 -25.06 2.80
CA SER G 9 14.33 -24.17 3.38
C SER G 9 14.16 -22.96 2.48
N CYS G 10 12.92 -22.50 2.31
CA CYS G 10 12.65 -21.34 1.49
C CYS G 10 13.45 -20.13 1.98
N THR G 11 13.85 -19.27 1.05
CA THR G 11 14.66 -18.10 1.39
C THR G 11 14.12 -17.23 2.51
N ILE G 12 12.80 -17.08 2.58
CA ILE G 12 12.20 -16.26 3.64
C ILE G 12 12.39 -16.85 5.02
N CYS G 13 12.13 -18.13 5.17
CA CYS G 13 12.30 -18.78 6.46
C CYS G 13 13.76 -18.73 6.87
N ARG G 14 14.63 -18.78 5.88
CA ARG G 14 16.06 -18.70 6.11
C ARG G 14 16.33 -17.36 6.76
N LYS G 15 15.91 -16.29 6.10
CA LYS G 15 16.13 -14.94 6.62
C LYS G 15 15.42 -14.68 7.94
N ARG G 16 14.24 -15.28 8.10
CA ARG G 16 13.47 -15.11 9.33
C ARG G 16 14.08 -15.95 10.45
N LYS G 17 14.85 -16.97 10.08
CA LYS G 17 15.50 -17.86 11.03
C LYS G 17 14.50 -18.75 11.77
N VAL G 18 13.47 -19.19 11.05
CA VAL G 18 12.45 -20.06 11.63
C VAL G 18 12.46 -21.37 10.87
N LYS G 19 11.81 -22.39 11.41
CA LYS G 19 11.79 -23.69 10.75
C LYS G 19 10.86 -23.74 9.54
N CYS G 20 11.39 -24.20 8.42
CA CYS G 20 10.59 -24.31 7.20
C CYS G 20 10.04 -25.71 7.04
N ASP G 21 8.75 -25.83 6.78
CA ASP G 21 8.14 -27.14 6.60
C ASP G 21 8.39 -27.66 5.19
N LYS G 22 9.12 -26.88 4.41
CA LYS G 22 9.49 -27.25 3.04
C LYS G 22 8.35 -27.73 2.14
N LEU G 23 7.14 -27.27 2.41
CA LEU G 23 5.99 -27.67 1.60
C LEU G 23 5.90 -26.81 0.35
N ARG G 24 5.47 -27.42 -0.75
CA ARG G 24 5.35 -26.69 -2.01
C ARG G 24 3.88 -26.45 -2.30
N PRO G 25 3.56 -25.45 -3.14
CA PRO G 25 4.53 -24.58 -3.81
C PRO G 25 5.16 -23.62 -2.82
N HIS G 26 4.40 -23.31 -1.77
CA HIS G 26 4.85 -22.39 -0.74
C HIS G 26 4.64 -23.03 0.62
N CYS G 27 5.60 -22.81 1.52
CA CYS G 27 5.54 -23.37 2.86
C CYS G 27 4.46 -22.68 3.70
N GLN G 28 4.00 -23.35 4.74
CA GLN G 28 2.96 -22.80 5.59
C GLN G 28 3.40 -21.60 6.42
N GLN G 29 4.70 -21.46 6.65
CA GLN G 29 5.17 -20.33 7.43
C GLN G 29 4.90 -19.05 6.67
N CYS G 30 5.27 -19.05 5.40
CA CYS G 30 5.04 -17.89 4.56
C CYS G 30 3.56 -17.74 4.38
N THR G 31 2.88 -18.86 4.13
CA THR G 31 1.45 -18.82 3.92
C THR G 31 0.76 -18.14 5.09
N LYS G 32 1.03 -18.62 6.30
CA LYS G 32 0.42 -18.05 7.49
C LYS G 32 0.75 -16.60 7.79
N THR G 33 1.91 -16.12 7.35
CA THR G 33 2.29 -14.74 7.60
C THR G 33 1.83 -13.87 6.46
N GLY G 34 1.19 -14.50 5.49
CA GLY G 34 0.66 -13.79 4.34
C GLY G 34 1.65 -13.45 3.25
N VAL G 35 2.82 -14.09 3.24
CA VAL G 35 3.81 -13.77 2.22
C VAL G 35 4.10 -14.91 1.24
N ALA G 36 3.13 -15.79 1.05
CA ALA G 36 3.27 -16.93 0.15
C ALA G 36 3.74 -16.53 -1.23
N HIS G 37 3.35 -15.36 -1.69
CA HIS G 37 3.76 -14.90 -3.01
C HIS G 37 5.25 -14.60 -3.06
N LEU G 38 5.89 -14.60 -1.90
CA LEU G 38 7.31 -14.32 -1.82
C LEU G 38 8.07 -15.57 -1.43
N CYS G 39 7.35 -16.66 -1.28
CA CYS G 39 7.98 -17.91 -0.88
C CYS G 39 8.48 -18.69 -2.06
N HIS G 40 9.80 -18.92 -2.09
CA HIS G 40 10.39 -19.67 -3.18
C HIS G 40 11.60 -20.42 -2.67
N TYR G 41 11.91 -21.53 -3.33
CA TYR G 41 13.03 -22.36 -2.98
C TYR G 41 14.11 -22.24 -4.04
N MET G 42 15.35 -22.37 -3.61
CA MET G 42 16.48 -22.28 -4.53
C MET G 42 16.56 -23.52 -5.42
N GLU G 43 16.96 -23.30 -6.67
CA GLU G 43 17.08 -24.40 -7.61
C GLU G 43 18.54 -24.55 -8.01
N GLN G 44 19.37 -23.59 -7.59
CA GLN G 44 20.79 -23.62 -7.91
C GLN G 44 21.58 -23.04 -6.75
N THR G 45 22.91 -23.05 -6.88
CA THR G 45 23.78 -22.56 -5.84
C THR G 45 23.59 -21.08 -5.71
N TRP G 46 24.04 -20.53 -4.59
CA TRP G 46 23.92 -19.10 -4.37
C TRP G 46 24.73 -18.38 -5.42
N ALA G 47 25.88 -18.92 -5.78
CA ALA G 47 26.70 -18.28 -6.79
C ALA G 47 25.98 -18.23 -8.13
N GLU G 48 25.42 -19.36 -8.54
CA GLU G 48 24.71 -19.45 -9.81
C GLU G 48 23.53 -18.49 -9.85
N GLU G 49 22.81 -18.38 -8.73
CA GLU G 49 21.66 -17.51 -8.66
C GLU G 49 22.08 -16.05 -8.73
N ALA G 50 23.03 -15.66 -7.89
CA ALA G 50 23.51 -14.29 -7.88
C ALA G 50 23.91 -13.84 -9.28
N GLU G 51 24.61 -14.72 -9.98
CA GLU G 51 25.04 -14.39 -11.33
C GLU G 51 23.88 -14.24 -12.27
N LYS G 52 22.83 -15.04 -12.06
CA LYS G 52 21.65 -14.99 -12.92
C LYS G 52 20.93 -13.67 -12.75
N GLU G 53 20.77 -13.22 -11.51
CA GLU G 53 20.10 -11.97 -11.23
C GLU G 53 20.94 -10.77 -11.65
N LEU G 54 22.23 -10.99 -11.83
CA LEU G 54 23.12 -9.92 -12.27
C LEU G 54 22.89 -9.67 -13.74
N LEU G 55 22.69 -10.75 -14.50
CA LEU G 55 22.43 -10.68 -15.93
C LEU G 55 21.04 -10.08 -16.15
N LYS G 56 20.12 -10.38 -15.23
CA LYS G 56 18.77 -9.84 -15.32
C LYS G 56 18.86 -8.33 -15.15
N ASP G 57 19.63 -7.89 -14.17
CA ASP G 57 19.82 -6.47 -13.91
C ASP G 57 20.23 -5.74 -15.20
N ASN G 58 21.22 -6.30 -15.89
CA ASN G 58 21.73 -5.72 -17.14
C ASN G 58 20.76 -5.80 -18.29
N GLU G 59 20.05 -6.91 -18.41
CA GLU G 59 19.08 -7.06 -19.49
C GLU G 59 17.96 -6.06 -19.27
N LEU G 60 17.62 -5.84 -18.01
CA LEU G 60 16.58 -4.90 -17.64
C LEU G 60 16.98 -3.49 -18.08
N LYS G 61 18.19 -3.09 -17.71
CA LYS G 61 18.71 -1.79 -18.10
C LYS G 61 18.63 -1.63 -19.63
N LYS G 62 19.12 -2.63 -20.35
CA LYS G 62 19.11 -2.57 -21.81
C LYS G 62 17.70 -2.48 -22.38
N LEU G 63 16.73 -3.07 -21.69
CA LEU G 63 15.34 -3.05 -22.14
C LEU G 63 14.76 -1.65 -21.99
N ARG G 64 14.92 -1.09 -20.80
CA ARG G 64 14.39 0.24 -20.55
C ARG G 64 14.97 1.21 -21.55
N GLU G 65 16.21 0.95 -21.97
CA GLU G 65 16.90 1.79 -22.96
C GLU G 65 16.31 1.56 -24.35
N ARG G 66 15.94 0.33 -24.63
CA ARG G 66 15.38 -0.03 -25.94
C ARG G 66 13.97 0.52 -26.09
N VAL G 67 13.23 0.54 -24.98
CA VAL G 67 11.86 1.05 -25.03
C VAL G 67 11.91 2.56 -25.28
N LYS G 68 12.85 3.25 -24.66
CA LYS G 68 12.96 4.68 -24.84
C LYS G 68 13.32 4.96 -26.29
N SER G 69 14.29 4.20 -26.81
CA SER G 69 14.71 4.39 -28.19
C SER G 69 13.59 3.97 -29.13
N LEU G 70 12.85 2.93 -28.74
CA LEU G 70 11.74 2.42 -29.55
C LEU G 70 10.55 3.35 -29.47
N GLU G 71 10.45 4.10 -28.37
CA GLU G 71 9.35 5.01 -28.18
C GLU G 71 9.63 6.29 -28.94
N LYS G 72 10.65 7.01 -28.48
CA LYS G 72 11.06 8.25 -29.10
C LYS G 72 11.50 8.13 -30.56
N THR G 73 11.11 7.03 -31.20
CA THR G 73 11.42 6.81 -32.60
C THR G 73 10.05 6.74 -33.26
N LEU G 74 9.16 7.55 -32.71
CA LEU G 74 7.78 7.71 -33.15
C LEU G 74 7.11 8.65 -32.15
N LYS H 2 14.24 -4.15 22.68
CA LYS H 2 13.39 -3.68 21.55
C LYS H 2 13.70 -4.45 20.27
N ARG H 3 12.64 -4.90 19.58
CA ARG H 3 12.77 -5.63 18.34
C ARG H 3 12.09 -4.88 17.19
N ASN H 4 12.68 -4.95 15.99
CA ASN H 4 12.11 -4.30 14.80
C ASN H 4 11.04 -5.26 14.24
N ARG H 5 9.85 -5.23 14.83
CA ARG H 5 8.76 -6.10 14.39
C ARG H 5 7.69 -5.30 13.68
N ILE H 6 7.57 -5.52 12.37
CA ILE H 6 6.57 -4.81 11.58
C ILE H 6 5.32 -5.67 11.39
N PRO H 7 4.13 -5.09 11.62
CA PRO H 7 2.87 -5.83 11.48
C PRO H 7 2.67 -6.44 10.11
N LEU H 8 2.14 -7.65 10.08
CA LEU H 8 1.88 -8.32 8.82
C LEU H 8 0.46 -8.06 8.33
N SER H 9 -0.38 -7.51 9.21
CA SER H 9 -1.74 -7.20 8.82
C SER H 9 -1.67 -5.92 7.99
N CYS H 10 -2.71 -5.66 7.22
CA CYS H 10 -2.72 -4.46 6.39
C CYS H 10 -3.02 -3.23 7.24
N THR H 11 -2.47 -2.10 6.82
CA THR H 11 -2.64 -0.88 7.55
C THR H 11 -4.08 -0.55 7.95
N ILE H 12 -5.05 -0.84 7.09
CA ILE H 12 -6.44 -0.52 7.41
C ILE H 12 -7.00 -1.38 8.54
N CYS H 13 -6.80 -2.69 8.44
CA CYS H 13 -7.29 -3.59 9.48
C CYS H 13 -6.63 -3.20 10.81
N ARG H 14 -5.36 -2.82 10.76
CA ARG H 14 -4.63 -2.44 11.96
C ARG H 14 -5.17 -1.16 12.53
N LYS H 15 -5.44 -0.18 11.67
CA LYS H 15 -5.96 1.10 12.12
C LYS H 15 -7.37 0.95 12.65
N ARG H 16 -8.14 0.10 11.99
CA ARG H 16 -9.52 -0.17 12.37
C ARG H 16 -9.60 -1.23 13.47
N LYS H 17 -8.50 -1.97 13.66
CA LYS H 17 -8.43 -3.01 14.67
C LYS H 17 -9.39 -4.15 14.42
N VAL H 18 -9.44 -4.59 13.17
CA VAL H 18 -10.33 -5.69 12.81
C VAL H 18 -9.52 -6.90 12.36
N LYS H 19 -10.20 -7.99 12.06
CA LYS H 19 -9.50 -9.20 11.64
C LYS H 19 -9.02 -9.10 10.22
N CYS H 20 -7.72 -9.35 10.02
CA CYS H 20 -7.12 -9.31 8.69
C CYS H 20 -6.78 -10.69 8.17
N ASP H 21 -7.30 -11.00 6.99
CA ASP H 21 -7.06 -12.30 6.37
C ASP H 21 -5.69 -12.32 5.70
N LYS H 22 -5.17 -11.14 5.39
CA LYS H 22 -3.86 -10.96 4.77
C LYS H 22 -3.77 -11.20 3.27
N LEU H 23 -4.90 -11.40 2.63
CA LEU H 23 -4.93 -11.63 1.19
C LEU H 23 -4.17 -10.58 0.41
N ARG H 24 -3.50 -11.00 -0.66
CA ARG H 24 -2.74 -10.07 -1.50
C ARG H 24 -3.39 -9.94 -2.88
N PRO H 25 -3.35 -8.74 -3.49
CA PRO H 25 -2.72 -7.52 -2.97
C PRO H 25 -3.58 -6.71 -2.00
N HIS H 26 -4.87 -6.98 -2.00
CA HIS H 26 -5.82 -6.31 -1.12
C HIS H 26 -6.56 -7.40 -0.38
N CYS H 27 -6.75 -7.23 0.93
CA CYS H 27 -7.41 -8.25 1.75
C CYS H 27 -8.93 -8.28 1.68
N GLN H 28 -9.50 -9.44 1.98
CA GLN H 28 -10.94 -9.66 1.93
C GLN H 28 -11.70 -8.78 2.91
N GLN H 29 -11.04 -8.36 3.98
CA GLN H 29 -11.71 -7.49 4.95
C GLN H 29 -11.94 -6.13 4.31
N CYS H 30 -10.92 -5.61 3.64
CA CYS H 30 -11.03 -4.33 2.99
C CYS H 30 -12.00 -4.39 1.83
N THR H 31 -11.93 -5.48 1.07
CA THR H 31 -12.82 -5.65 -0.08
C THR H 31 -14.27 -5.76 0.40
N LYS H 32 -14.51 -6.62 1.40
CA LYS H 32 -15.82 -6.83 1.96
C LYS H 32 -16.41 -5.55 2.54
N THR H 33 -15.55 -4.64 2.97
CA THR H 33 -16.01 -3.38 3.55
C THR H 33 -15.85 -2.15 2.67
N GLY H 34 -15.63 -2.40 1.38
CA GLY H 34 -15.53 -1.33 0.40
C GLY H 34 -14.36 -0.38 0.32
N VAL H 35 -13.18 -0.81 0.75
CA VAL H 35 -12.00 0.03 0.67
C VAL H 35 -10.81 -0.80 0.15
N ALA H 36 -11.13 -1.80 -0.67
CA ALA H 36 -10.15 -2.70 -1.25
C ALA H 36 -8.85 -2.08 -1.67
N HIS H 37 -8.93 -1.12 -2.59
CA HIS H 37 -7.74 -0.46 -3.12
C HIS H 37 -7.04 0.51 -2.20
N LEU H 38 -7.48 0.55 -0.95
CA LEU H 38 -6.88 1.42 0.05
C LEU H 38 -5.97 0.49 0.83
N CYS H 39 -6.12 -0.80 0.54
CA CYS H 39 -5.37 -1.85 1.21
C CYS H 39 -3.93 -2.09 0.76
N HIS H 40 -3.01 -2.06 1.72
CA HIS H 40 -1.62 -2.30 1.43
C HIS H 40 -0.91 -2.75 2.69
N TYR H 41 0.29 -3.30 2.55
CA TYR H 41 1.04 -3.79 3.69
C TYR H 41 2.38 -3.12 3.85
N MET H 42 2.88 -3.10 5.09
CA MET H 42 4.18 -2.50 5.38
C MET H 42 5.29 -3.40 4.86
N GLU H 43 6.37 -2.79 4.39
CA GLU H 43 7.50 -3.54 3.86
C GLU H 43 8.23 -4.22 4.99
N GLN H 44 8.51 -5.51 4.80
CA GLN H 44 9.20 -6.31 5.80
C GLN H 44 10.67 -6.38 5.46
N THR H 45 11.52 -6.25 6.48
CA THR H 45 12.96 -6.27 6.30
C THR H 45 13.41 -7.57 5.64
N TRP H 46 12.84 -8.69 6.08
CA TRP H 46 13.20 -9.98 5.53
C TRP H 46 12.49 -10.31 4.24
N ALA H 47 11.69 -9.38 3.72
CA ALA H 47 10.98 -9.63 2.47
C ALA H 47 11.57 -8.78 1.36
N GLU H 48 12.26 -7.71 1.75
CA GLU H 48 12.86 -6.80 0.78
C GLU H 48 13.50 -7.46 -0.44
N GLU H 49 14.34 -8.45 -0.19
CA GLU H 49 15.04 -9.15 -1.27
C GLU H 49 14.07 -9.92 -2.17
N ALA H 50 13.16 -10.68 -1.56
CA ALA H 50 12.20 -11.47 -2.31
C ALA H 50 11.26 -10.55 -3.10
N GLU H 51 11.07 -9.34 -2.59
CA GLU H 51 10.22 -8.34 -3.24
C GLU H 51 10.95 -7.75 -4.43
N LYS H 52 12.18 -7.33 -4.20
CA LYS H 52 13.02 -6.78 -5.25
C LYS H 52 13.03 -7.74 -6.43
N GLU H 53 13.12 -9.03 -6.14
CA GLU H 53 13.15 -10.07 -7.16
C GLU H 53 11.87 -10.20 -7.93
N LEU H 54 10.76 -10.37 -7.23
CA LEU H 54 9.45 -10.49 -7.87
C LEU H 54 9.18 -9.31 -8.80
N LEU H 55 9.43 -8.10 -8.30
CA LEU H 55 9.21 -6.88 -9.06
C LEU H 55 10.11 -6.80 -10.30
N LYS H 56 11.36 -7.20 -10.12
CA LYS H 56 12.32 -7.17 -11.21
C LYS H 56 11.89 -8.14 -12.30
N ASP H 57 11.36 -9.28 -11.88
CA ASP H 57 10.91 -10.28 -12.82
C ASP H 57 9.73 -9.73 -13.60
N ASN H 58 8.85 -9.00 -12.91
CA ASN H 58 7.68 -8.41 -13.55
C ASN H 58 8.12 -7.36 -14.54
N GLU H 59 9.13 -6.58 -14.18
CA GLU H 59 9.63 -5.51 -15.03
C GLU H 59 10.30 -6.01 -16.31
N LEU H 60 11.05 -7.09 -16.24
CA LEU H 60 11.69 -7.62 -17.43
C LEU H 60 10.57 -8.12 -18.34
N LYS H 61 9.60 -8.81 -17.74
CA LYS H 61 8.45 -9.34 -18.45
C LYS H 61 7.64 -8.26 -19.21
N LYS H 62 7.30 -7.19 -18.52
CA LYS H 62 6.53 -6.13 -19.13
C LYS H 62 7.37 -5.29 -20.07
N LEU H 63 8.62 -5.02 -19.69
CA LEU H 63 9.50 -4.23 -20.55
C LEU H 63 9.70 -4.95 -21.88
N ARG H 64 9.75 -6.27 -21.85
CA ARG H 64 9.94 -7.06 -23.07
C ARG H 64 8.69 -7.07 -23.93
N GLU H 65 7.52 -7.11 -23.31
CA GLU H 65 6.27 -7.11 -24.08
C GLU H 65 6.18 -5.73 -24.74
N ARG H 66 6.78 -4.74 -24.07
CA ARG H 66 6.78 -3.37 -24.54
C ARG H 66 7.72 -3.17 -25.72
N VAL H 67 8.89 -3.80 -25.67
CA VAL H 67 9.84 -3.70 -26.76
C VAL H 67 9.20 -4.37 -27.96
N LYS H 68 8.64 -5.56 -27.73
CA LYS H 68 8.00 -6.35 -28.77
C LYS H 68 6.82 -5.63 -29.43
N SER H 69 6.02 -4.97 -28.61
CA SER H 69 4.85 -4.21 -29.06
C SER H 69 5.25 -2.98 -29.86
N LEU H 70 6.23 -2.23 -29.36
CA LEU H 70 6.69 -1.05 -30.08
C LEU H 70 7.27 -1.48 -31.41
N GLU H 71 8.11 -2.51 -31.38
CA GLU H 71 8.72 -3.00 -32.60
C GLU H 71 7.64 -3.49 -33.57
N LYS H 72 6.52 -3.99 -33.04
CA LYS H 72 5.43 -4.46 -33.88
C LYS H 72 4.81 -3.24 -34.57
N THR H 73 4.39 -2.25 -33.79
CA THR H 73 3.83 -1.03 -34.35
C THR H 73 4.88 -0.56 -35.35
N LEU H 74 5.88 0.16 -34.84
CA LEU H 74 6.99 0.67 -35.65
C LEU H 74 7.10 -0.06 -37.00
ZN ZN I . -2.65 23.73 2.11
ZN ZN J . -4.14 21.31 1.58
ZN ZN K . 4.10 5.71 -8.62
ZN ZN L . 2.50 3.27 -8.12
ZN ZN M . -6.12 -1.88 -6.08
ZN ZN N . 9.63 -21.55 4.64
ZN ZN O . 8.25 -19.93 2.58
ZN ZN P . -6.66 -6.43 6.21
ZN ZN Q . -6.76 -4.67 3.85
#